data_6U4K
#
_entry.id   6U4K
#
_cell.length_a   58.885
_cell.length_b   58.885
_cell.length_c   203.799
_cell.angle_alpha   90.000
_cell.angle_beta   90.000
_cell.angle_gamma   120.000
#
_symmetry.space_group_name_H-M   'P 65'
#
loop_
_entity.id
_entity.type
_entity.pdbx_description
1 polymer Talin-2
2 water water
#
_entity_poly.entity_id   1
_entity_poly.type   'polypeptide(L)'
_entity_poly.pdbx_seq_one_letter_code
;GPMVALSLKICVRHCNVVKTMQFEPSTAVYDACRVIRERVPEAQTGQASDYGLFLSDEDPRKGIWLEAGRTLDYYMLRNG
DILEYKKKQRPQKIRMLDGSVKTVMVDDSKTVGELLVTICSRIGITNYEEYSLIQETIEEKKEEGTGTLKKDRTLLRDER
KMEKLKAKLHTDDDLNWLDHSRTFREQGVDENETLLLRRKFFYSDQNVDSRDPVQLNLLYVQARDDILNGSHPVSFEKAC
EFGGFQAQIQFGPHVEHKHKPGFLDLKEFLPKEYIKQRGAEKRIFQEHKNCGEMSEIEAKVKYVKLARSLRTYGVSFFLV
KEKMKGKNKLVPRLLGITKDSVMRVDEKTKEVLQEWPLTTVKRWAASPKSFTLDFGEYQESYYSVQTTEGEQISQLIAGY
IDIIL
;
_entity_poly.pdbx_strand_id   A
#
# COMPACT_ATOMS: atom_id res chain seq x y z
N MET A 3 46.05 -9.00 9.59
CA MET A 3 44.79 -8.40 10.03
C MET A 3 44.97 -6.93 10.39
N VAL A 4 44.04 -6.10 9.93
CA VAL A 4 43.95 -4.70 10.32
C VAL A 4 42.72 -4.53 11.17
N ALA A 5 42.87 -3.85 12.31
CA ALA A 5 41.76 -3.63 13.23
C ALA A 5 41.19 -2.24 13.03
N LEU A 6 39.88 -2.15 12.94
CA LEU A 6 39.18 -0.87 12.83
C LEU A 6 38.62 -0.55 14.21
N SER A 7 39.28 0.38 14.92
CA SER A 7 38.86 0.80 16.24
C SER A 7 37.94 2.01 16.11
N LEU A 8 36.70 1.85 16.53
CA LEU A 8 35.70 2.90 16.43
C LEU A 8 35.06 3.14 17.79
N LYS A 9 34.65 4.39 18.01
CA LYS A 9 33.82 4.75 19.15
C LYS A 9 32.37 4.75 18.71
N ILE A 10 31.51 4.11 19.49
CA ILE A 10 30.09 3.98 19.16
C ILE A 10 29.29 4.83 20.14
N CYS A 11 28.45 5.71 19.59
CA CYS A 11 27.59 6.56 20.39
C CYS A 11 26.24 5.88 20.59
N VAL A 12 25.79 5.82 21.84
CA VAL A 12 24.50 5.24 22.19
C VAL A 12 23.72 6.25 23.01
N ARG A 13 22.43 6.39 22.69
CA ARG A 13 21.52 7.28 23.42
C ARG A 13 21.98 8.73 23.34
N HIS A 14 22.15 9.21 22.11
CA HIS A 14 22.61 10.57 21.83
C HIS A 14 23.98 10.84 22.46
N CYS A 15 24.89 9.87 22.30
CA CYS A 15 26.26 9.94 22.79
C CYS A 15 26.35 10.05 24.30
N ASN A 16 25.27 9.74 25.02
CA ASN A 16 25.37 9.61 26.47
C ASN A 16 26.27 8.44 26.86
N VAL A 17 26.43 7.46 25.96
CA VAL A 17 27.34 6.35 26.15
C VAL A 17 28.24 6.27 24.91
N VAL A 18 29.55 6.27 25.12
CA VAL A 18 30.51 6.12 24.05
C VAL A 18 31.40 4.93 24.37
N LYS A 19 31.34 3.91 23.51
CA LYS A 19 32.07 2.67 23.71
C LYS A 19 33.09 2.49 22.59
N THR A 20 34.35 2.28 22.97
CA THR A 20 35.39 1.95 22.00
C THR A 20 35.35 0.45 21.74
N MET A 21 35.19 0.08 20.46
CA MET A 21 35.12 -1.32 20.06
C MET A 21 36.00 -1.54 18.85
N GLN A 22 36.33 -2.81 18.61
CA GLN A 22 37.21 -3.21 17.52
C GLN A 22 36.43 -4.08 16.55
N PHE A 23 36.44 -3.70 15.28
CA PHE A 23 35.75 -4.45 14.23
C PHE A 23 36.73 -4.76 13.10
N GLU A 24 36.35 -5.74 12.28
CA GLU A 24 37.04 -5.92 11.02
C GLU A 24 36.61 -4.81 10.07
N PRO A 25 37.50 -4.36 9.19
CA PRO A 25 37.04 -3.48 8.11
C PRO A 25 35.94 -4.14 7.30
N SER A 26 36.11 -5.40 6.91
CA SER A 26 35.14 -6.12 6.10
C SER A 26 33.91 -6.58 6.88
N THR A 27 33.73 -6.13 8.12
CA THR A 27 32.54 -6.49 8.87
C THR A 27 31.31 -5.85 8.23
N ALA A 28 30.27 -6.65 7.99
CA ALA A 28 29.02 -6.10 7.50
C ALA A 28 28.41 -5.16 8.52
N VAL A 29 27.59 -4.23 8.03
CA VAL A 29 27.00 -3.22 8.90
C VAL A 29 26.03 -3.87 9.91
N TYR A 30 25.23 -4.84 9.46
CA TYR A 30 24.29 -5.53 10.34
C TYR A 30 25.00 -6.32 11.42
N ASP A 31 26.06 -7.06 11.08
CA ASP A 31 26.77 -7.81 12.10
C ASP A 31 27.40 -6.85 13.10
N ALA A 32 27.88 -5.70 12.61
CA ALA A 32 28.35 -4.63 13.49
C ALA A 32 27.23 -4.16 14.41
N CYS A 33 26.04 -3.91 13.86
CA CYS A 33 24.91 -3.61 14.70
C CYS A 33 24.57 -4.77 15.62
N ARG A 34 24.72 -6.00 15.11
CA ARG A 34 24.45 -7.18 15.94
C ARG A 34 25.38 -7.22 17.15
N VAL A 35 26.68 -6.98 16.94
CA VAL A 35 27.62 -7.02 18.06
C VAL A 35 27.39 -5.85 18.99
N ILE A 36 27.07 -4.68 18.44
CA ILE A 36 26.77 -3.51 19.29
C ILE A 36 25.63 -3.83 20.24
N ARG A 37 24.55 -4.41 19.71
CA ARG A 37 23.44 -4.83 20.56
C ARG A 37 23.90 -5.78 21.66
N GLU A 38 24.67 -6.81 21.28
CA GLU A 38 25.03 -7.87 22.20
C GLU A 38 26.24 -7.53 23.07
N ARG A 39 26.84 -6.35 22.92
CA ARG A 39 27.96 -5.96 23.77
C ARG A 39 27.62 -4.84 24.73
N VAL A 40 26.81 -3.87 24.32
CA VAL A 40 26.42 -2.75 25.16
C VAL A 40 25.00 -3.01 25.66
N PRO A 41 24.79 -3.18 26.97
CA PRO A 41 23.41 -3.37 27.46
C PRO A 41 22.52 -2.16 27.26
N GLU A 42 23.10 -0.95 27.19
CA GLU A 42 22.32 0.23 26.87
C GLU A 42 21.83 0.24 25.43
N ALA A 43 22.29 -0.69 24.59
CA ALA A 43 21.93 -0.73 23.18
C ALA A 43 20.96 -1.86 22.86
N GLN A 44 20.19 -2.31 23.84
CA GLN A 44 19.16 -3.33 23.63
C GLN A 44 17.82 -2.75 24.07
N THR A 45 17.35 -1.75 23.35
CA THR A 45 16.02 -1.18 23.54
C THR A 45 15.19 -1.49 22.29
N GLY A 46 13.96 -1.95 22.50
CA GLY A 46 13.14 -2.36 21.37
C GLY A 46 13.77 -3.54 20.67
N GLN A 47 13.89 -3.44 19.36
CA GLN A 47 14.58 -4.45 18.56
C GLN A 47 15.44 -3.76 17.51
N ALA A 48 16.29 -4.57 16.86
CA ALA A 48 17.28 -4.02 15.93
C ALA A 48 16.66 -3.32 14.73
N SER A 49 15.41 -3.65 14.38
CA SER A 49 14.78 -3.05 13.21
C SER A 49 14.61 -1.55 13.35
N ASP A 50 14.56 -1.04 14.57
CA ASP A 50 14.33 0.38 14.82
C ASP A 50 15.62 1.16 15.04
N TYR A 51 16.77 0.54 14.83
CA TYR A 51 18.06 1.17 15.07
C TYR A 51 18.99 0.94 13.89
N GLY A 52 20.03 1.76 13.83
CA GLY A 52 21.01 1.64 12.78
C GLY A 52 22.23 2.48 13.11
N LEU A 53 23.18 2.46 12.18
CA LEU A 53 24.44 3.20 12.33
C LEU A 53 24.37 4.48 11.52
N PHE A 54 24.67 5.60 12.17
CA PHE A 54 24.58 6.92 11.57
C PHE A 54 25.96 7.57 11.55
N LEU A 55 26.36 8.06 10.39
CA LEU A 55 27.64 8.75 10.21
C LEU A 55 27.35 10.18 9.79
N SER A 56 27.79 11.14 10.60
CA SER A 56 27.56 12.55 10.28
C SER A 56 28.60 13.04 9.27
N ASP A 57 28.19 13.98 8.43
CA ASP A 57 29.03 14.50 7.38
C ASP A 57 29.69 15.80 7.83
N GLU A 58 30.33 16.50 6.88
CA GLU A 58 31.00 17.75 7.21
C GLU A 58 30.01 18.80 7.70
N ASP A 59 28.81 18.81 7.14
CA ASP A 59 27.67 19.65 7.50
C ASP A 59 26.87 18.97 8.63
N PRO A 60 26.55 19.68 9.71
CA PRO A 60 25.70 19.08 10.75
C PRO A 60 24.31 18.69 10.27
N ARG A 61 23.83 19.25 9.17
CA ARG A 61 22.53 18.90 8.62
C ARG A 61 22.62 17.79 7.58
N LYS A 62 23.82 17.33 7.25
CA LYS A 62 24.03 16.25 6.30
C LYS A 62 24.50 15.01 7.05
N GLY A 63 23.76 13.92 6.92
CA GLY A 63 24.12 12.68 7.58
C GLY A 63 23.70 11.49 6.76
N ILE A 64 24.42 10.39 6.97
CA ILE A 64 24.27 9.16 6.19
C ILE A 64 23.98 8.01 7.13
N TRP A 65 22.95 7.21 6.79
CA TRP A 65 22.69 5.96 7.50
C TRP A 65 23.33 4.80 6.74
N LEU A 66 24.17 4.04 7.43
CA LEU A 66 24.87 2.94 6.79
C LEU A 66 23.89 1.84 6.40
N GLU A 67 24.02 1.35 5.18
CA GLU A 67 23.17 0.27 4.70
C GLU A 67 23.69 -1.06 5.24
N ALA A 68 22.76 -1.90 5.69
CA ALA A 68 23.14 -3.14 6.36
C ALA A 68 23.94 -4.04 5.43
N GLY A 69 23.53 -4.16 4.17
CA GLY A 69 24.25 -5.01 3.23
C GLY A 69 25.65 -4.55 2.94
N ARG A 70 25.95 -3.28 3.17
CA ARG A 70 27.29 -2.77 2.97
C ARG A 70 28.20 -3.20 4.12
N THR A 71 29.44 -2.77 4.06
CA THR A 71 30.45 -3.16 5.02
C THR A 71 31.06 -1.89 5.61
N LEU A 72 31.52 -2.00 6.86
CA LEU A 72 32.04 -0.83 7.59
C LEU A 72 33.08 -0.09 6.78
N ASP A 73 34.01 -0.85 6.27
CA ASP A 73 35.02 -0.35 5.38
C ASP A 73 34.51 0.57 4.24
N TYR A 74 33.34 0.29 3.69
CA TYR A 74 32.76 1.01 2.54
C TYR A 74 32.60 2.52 2.68
N TYR A 75 32.40 3.05 3.90
CA TYR A 75 32.25 4.47 4.24
C TYR A 75 33.60 5.04 4.66
N MET A 76 34.67 4.32 4.33
CA MET A 76 36.05 4.75 4.54
C MET A 76 36.30 5.10 6.00
N LEU A 77 35.93 4.19 6.89
CA LEU A 77 36.12 4.43 8.32
C LEU A 77 37.54 4.08 8.72
N ARG A 78 38.20 5.00 9.41
CA ARG A 78 39.54 4.77 9.94
C ARG A 78 39.49 4.76 11.46
N ASN A 79 40.57 4.28 12.06
CA ASN A 79 40.64 4.15 13.51
C ASN A 79 40.45 5.51 14.18
N GLY A 80 39.58 5.56 15.19
CA GLY A 80 39.26 6.78 15.88
C GLY A 80 37.95 7.41 15.46
N ASP A 81 37.38 7.00 14.33
CA ASP A 81 36.12 7.56 13.87
C ASP A 81 34.98 7.16 14.82
N ILE A 82 33.89 7.93 14.75
CA ILE A 82 32.76 7.75 15.64
C ILE A 82 31.51 7.47 14.82
N LEU A 83 30.73 6.48 15.26
CA LEU A 83 29.41 6.21 14.71
C LEU A 83 28.40 6.26 15.85
N GLU A 84 27.15 6.53 15.48
CA GLU A 84 26.05 6.57 16.44
C GLU A 84 25.11 5.41 16.17
N TYR A 85 24.80 4.65 17.22
CA TYR A 85 23.73 3.65 17.18
C TYR A 85 22.43 4.39 17.44
N LYS A 86 21.82 4.87 16.37
CA LYS A 86 20.75 5.86 16.45
C LYS A 86 19.40 5.25 16.14
N LYS A 87 18.38 5.68 16.88
CA LYS A 87 17.01 5.31 16.59
C LYS A 87 16.53 6.05 15.35
N LYS A 88 15.97 5.32 14.39
CA LYS A 88 15.62 5.92 13.11
C LYS A 88 14.26 6.58 13.09
N GLN A 89 13.34 6.16 13.95
CA GLN A 89 12.04 6.82 14.05
C GLN A 89 12.21 8.18 14.70
N ARG A 90 11.86 9.24 13.97
CA ARG A 90 11.99 10.59 14.46
C ARG A 90 10.73 11.37 14.14
N PRO A 91 10.40 12.37 14.96
CA PRO A 91 9.17 13.13 14.71
C PRO A 91 9.30 14.05 13.51
N GLN A 92 8.17 14.26 12.84
CA GLN A 92 8.10 15.18 11.70
C GLN A 92 6.71 15.77 11.67
N LYS A 93 6.62 17.10 11.69
CA LYS A 93 5.34 17.77 11.64
C LYS A 93 4.89 17.93 10.19
N ILE A 94 3.70 17.43 9.88
CA ILE A 94 3.13 17.50 8.54
C ILE A 94 1.69 17.99 8.66
N ARG A 95 1.33 18.92 7.77
CA ARG A 95 -0.03 19.44 7.73
C ARG A 95 -0.92 18.48 6.94
N MET A 96 -1.94 17.95 7.58
CA MET A 96 -2.78 16.90 7.00
C MET A 96 -3.75 17.49 5.98
N LEU A 97 -4.65 16.65 5.46
CA LEU A 97 -5.66 17.09 4.53
C LEU A 97 -6.79 17.88 5.19
N ASP A 98 -6.88 17.83 6.52
CA ASP A 98 -7.85 18.64 7.26
C ASP A 98 -7.27 19.95 7.75
N GLY A 99 -6.06 20.30 7.31
CA GLY A 99 -5.43 21.54 7.68
C GLY A 99 -4.69 21.53 9.00
N SER A 100 -4.78 20.46 9.78
CA SER A 100 -4.11 20.38 11.06
C SER A 100 -2.71 19.81 10.89
N VAL A 101 -1.77 20.37 11.65
CA VAL A 101 -0.39 19.88 11.65
C VAL A 101 -0.30 18.74 12.66
N LYS A 102 0.16 17.58 12.19
CA LYS A 102 0.31 16.40 13.04
C LYS A 102 1.78 15.99 13.08
N THR A 103 2.22 15.56 14.25
CA THR A 103 3.58 15.08 14.46
C THR A 103 3.56 13.56 14.34
N VAL A 104 4.19 13.05 13.29
CA VAL A 104 4.20 11.61 13.01
C VAL A 104 5.63 11.12 13.04
N MET A 105 5.81 9.87 13.49
CA MET A 105 7.11 9.24 13.47
C MET A 105 7.43 8.75 12.07
N VAL A 106 8.66 9.01 11.63
CA VAL A 106 9.11 8.62 10.29
C VAL A 106 10.47 7.97 10.42
N ASP A 107 10.71 6.95 9.58
CA ASP A 107 12.02 6.31 9.49
C ASP A 107 12.95 7.25 8.73
N ASP A 108 13.88 7.88 9.45
CA ASP A 108 14.80 8.83 8.85
C ASP A 108 15.61 8.22 7.72
N SER A 109 15.74 6.89 7.69
CA SER A 109 16.56 6.21 6.69
C SER A 109 15.82 5.92 5.39
N LYS A 110 14.51 6.13 5.34
CA LYS A 110 13.72 5.80 4.16
C LYS A 110 13.45 7.03 3.33
N THR A 111 13.35 6.82 2.01
CA THR A 111 12.98 7.91 1.11
C THR A 111 11.53 8.32 1.36
N VAL A 112 11.23 9.58 1.03
CA VAL A 112 9.90 10.11 1.28
C VAL A 112 8.83 9.38 0.48
N GLY A 113 9.23 8.71 -0.61
CA GLY A 113 8.27 7.87 -1.32
C GLY A 113 7.79 6.71 -0.47
N GLU A 114 8.72 6.01 0.18
CA GLU A 114 8.35 4.91 1.06
C GLU A 114 7.61 5.42 2.30
N LEU A 115 8.00 6.59 2.81
CA LEU A 115 7.37 7.12 4.01
C LEU A 115 5.93 7.54 3.73
N LEU A 116 5.66 8.07 2.54
CA LEU A 116 4.31 8.49 2.20
C LEU A 116 3.33 7.33 2.22
N VAL A 117 3.81 6.12 1.94
CA VAL A 117 2.95 4.94 2.01
C VAL A 117 2.45 4.75 3.44
N THR A 118 3.32 4.94 4.43
CA THR A 118 2.92 4.77 5.81
C THR A 118 2.21 5.99 6.38
N ILE A 119 2.51 7.18 5.86
CA ILE A 119 1.94 8.40 6.43
C ILE A 119 0.47 8.53 6.05
N CYS A 120 0.16 8.44 4.76
CA CYS A 120 -1.20 8.70 4.30
C CYS A 120 -2.14 7.58 4.67
N SER A 121 -1.73 6.32 4.45
CA SER A 121 -2.59 5.19 4.76
C SER A 121 -2.92 5.08 6.24
N ARG A 122 -2.06 5.61 7.11
CA ARG A 122 -2.40 5.71 8.53
C ARG A 122 -3.44 6.80 8.79
N ILE A 123 -3.66 7.70 7.83
CA ILE A 123 -4.70 8.72 7.96
C ILE A 123 -6.04 8.23 7.39
N GLY A 124 -6.01 7.28 6.47
CA GLY A 124 -7.22 6.79 5.82
C GLY A 124 -7.24 6.96 4.32
N ILE A 125 -6.21 7.55 3.73
CA ILE A 125 -6.15 7.75 2.30
C ILE A 125 -5.87 6.42 1.61
N THR A 126 -6.76 6.01 0.71
CA THR A 126 -6.56 4.77 -0.03
C THR A 126 -5.72 4.95 -1.27
N ASN A 127 -5.80 6.10 -1.92
CA ASN A 127 -4.99 6.40 -3.10
C ASN A 127 -3.75 7.18 -2.73
N TYR A 128 -3.01 6.68 -1.73
CA TYR A 128 -1.82 7.37 -1.23
C TYR A 128 -0.73 7.53 -2.28
N GLU A 129 -0.82 6.81 -3.40
CA GLU A 129 0.18 6.97 -4.44
C GLU A 129 0.12 8.36 -5.07
N GLU A 130 -1.08 8.88 -5.28
CA GLU A 130 -1.27 10.16 -5.96
C GLU A 130 -0.95 11.36 -5.08
N TYR A 131 -0.39 11.16 -3.89
CA TYR A 131 -0.11 12.25 -2.97
C TYR A 131 1.39 12.50 -2.88
N SER A 132 1.73 13.62 -2.25
CA SER A 132 3.11 14.07 -2.16
C SER A 132 3.20 15.10 -1.03
N LEU A 133 4.35 15.76 -0.93
CA LEU A 133 4.59 16.75 0.12
C LEU A 133 5.20 18.01 -0.46
N ILE A 134 4.97 19.13 0.21
CA ILE A 134 5.46 20.43 -0.23
C ILE A 134 6.19 21.10 0.92
N GLN A 135 7.35 21.69 0.62
CA GLN A 135 8.09 22.52 1.57
C GLN A 135 7.43 23.89 1.60
N GLU A 136 6.51 24.08 2.53
CA GLU A 136 5.69 25.29 2.53
C GLU A 136 6.47 26.46 3.11
N THR A 137 6.24 27.64 2.53
CA THR A 137 6.98 28.86 2.86
C THR A 137 5.99 29.96 3.19
N ILE A 138 6.15 30.55 4.37
CA ILE A 138 5.28 31.62 4.84
C ILE A 138 6.13 32.86 5.09
N GLU A 139 5.84 33.93 4.35
CA GLU A 139 6.62 35.17 4.46
C GLU A 139 5.75 36.42 4.43
N GLU A 140 4.47 36.32 4.75
CA GLU A 140 3.54 37.43 4.58
C GLU A 140 3.23 38.07 5.94
N LYS A 141 4.19 38.82 6.46
CA LYS A 141 3.97 39.71 7.60
C LYS A 141 5.04 40.80 7.52
N LYS A 142 4.71 41.89 6.85
CA LYS A 142 5.70 42.93 6.55
C LYS A 142 5.98 43.77 7.79
N GLU A 143 7.20 43.67 8.33
CA GLU A 143 7.67 44.43 9.48
C GLU A 143 7.30 45.90 9.42
N GLU A 144 7.89 46.56 8.43
CA GLU A 144 7.82 47.99 8.24
C GLU A 144 8.50 48.74 9.38
N LEU A 156 6.46 58.18 -15.94
CA LEU A 156 5.64 57.02 -15.58
C LEU A 156 5.06 56.36 -16.84
N ARG A 157 4.91 57.15 -17.90
CA ARG A 157 4.25 56.66 -19.11
C ARG A 157 5.10 55.65 -19.87
N ASP A 158 6.41 55.60 -19.61
CA ASP A 158 7.30 54.68 -20.28
C ASP A 158 7.78 53.55 -19.38
N GLU A 159 8.33 53.88 -18.21
CA GLU A 159 8.99 52.85 -17.41
C GLU A 159 8.02 52.08 -16.53
N ARG A 160 7.05 52.75 -15.89
CA ARG A 160 6.12 52.07 -15.00
C ARG A 160 4.84 51.64 -15.70
N LYS A 161 4.50 52.23 -16.85
CA LYS A 161 3.60 51.54 -17.76
C LYS A 161 4.11 50.13 -18.03
N MET A 162 5.43 50.00 -18.16
CA MET A 162 6.05 48.68 -18.22
C MET A 162 5.91 47.94 -16.90
N GLU A 163 6.06 48.64 -15.78
CA GLU A 163 5.98 47.99 -14.48
C GLU A 163 4.58 47.50 -14.16
N LYS A 164 3.55 48.08 -14.78
CA LYS A 164 2.19 47.59 -14.55
C LYS A 164 1.88 46.37 -15.41
N LEU A 165 2.53 46.22 -16.57
CA LEU A 165 2.37 45.00 -17.33
C LEU A 165 3.11 43.85 -16.67
N LYS A 166 4.33 44.09 -16.19
CA LYS A 166 5.07 43.04 -15.50
C LYS A 166 4.43 42.69 -14.16
N ALA A 167 3.83 43.66 -13.48
CA ALA A 167 3.17 43.37 -12.21
C ALA A 167 1.88 42.59 -12.43
N LYS A 168 1.12 42.95 -13.47
CA LYS A 168 -0.10 42.20 -13.79
C LYS A 168 0.24 40.86 -14.43
N LEU A 169 1.36 40.78 -15.16
CA LEU A 169 1.81 39.53 -15.76
C LEU A 169 2.79 38.84 -14.81
N HIS A 170 2.25 38.39 -13.68
CA HIS A 170 3.10 37.86 -12.63
C HIS A 170 3.33 36.36 -12.82
N THR A 171 4.48 35.92 -12.31
CA THR A 171 4.87 34.52 -12.40
C THR A 171 3.86 33.62 -11.72
N ASP A 172 3.78 32.39 -12.22
CA ASP A 172 3.20 31.30 -11.46
C ASP A 172 4.31 30.67 -10.63
N ASP A 173 4.21 30.76 -9.30
CA ASP A 173 5.19 30.15 -8.42
C ASP A 173 4.72 28.72 -8.16
N ASP A 174 5.16 27.81 -9.02
CA ASP A 174 4.67 26.44 -9.00
C ASP A 174 5.11 25.73 -7.73
N LEU A 175 4.41 24.64 -7.43
CA LEU A 175 4.49 24.01 -6.12
C LEU A 175 5.88 23.42 -5.87
N ASN A 176 6.32 23.53 -4.62
CA ASN A 176 7.66 23.09 -4.22
C ASN A 176 7.58 21.68 -3.65
N TRP A 177 7.28 20.73 -4.56
CA TRP A 177 7.18 19.33 -4.17
C TRP A 177 8.55 18.81 -3.72
N LEU A 178 8.52 17.64 -3.09
CA LEU A 178 9.72 16.96 -2.65
C LEU A 178 10.06 15.80 -3.59
N ASP A 179 11.33 15.41 -3.56
CA ASP A 179 11.82 14.32 -4.40
C ASP A 179 11.56 12.99 -3.71
N HIS A 180 10.75 12.15 -4.33
CA HIS A 180 10.43 10.85 -3.73
C HIS A 180 11.62 9.91 -3.72
N SER A 181 12.64 10.17 -4.53
CA SER A 181 13.81 9.30 -4.60
C SER A 181 14.81 9.56 -3.48
N ARG A 182 14.56 10.54 -2.61
CA ARG A 182 15.52 10.94 -1.59
C ARG A 182 14.85 10.95 -0.23
N THR A 183 15.69 11.07 0.81
CA THR A 183 15.20 11.18 2.17
C THR A 183 15.02 12.65 2.55
N PHE A 184 14.47 12.88 3.75
CA PHE A 184 14.26 14.24 4.21
C PHE A 184 15.57 14.97 4.42
N ARG A 185 16.59 14.26 4.93
CA ARG A 185 17.88 14.88 5.17
C ARG A 185 18.60 15.26 3.88
N GLU A 186 18.42 14.45 2.83
CA GLU A 186 19.13 14.71 1.58
C GLU A 186 18.57 15.92 0.85
N GLN A 187 17.28 16.21 1.02
CA GLN A 187 16.62 17.29 0.30
C GLN A 187 16.63 18.61 1.07
N GLY A 188 17.30 18.68 2.21
CA GLY A 188 17.35 19.90 2.99
C GLY A 188 16.18 20.10 3.93
N VAL A 189 15.31 19.11 4.08
CA VAL A 189 14.20 19.17 5.02
C VAL A 189 14.71 18.76 6.39
N ASP A 190 14.63 19.66 7.35
CA ASP A 190 15.14 19.41 8.69
C ASP A 190 14.01 19.14 9.67
N GLU A 191 14.39 18.67 10.86
CA GLU A 191 13.48 17.92 11.73
C GLU A 191 12.22 18.72 12.07
N ASN A 192 12.38 19.95 12.52
CA ASN A 192 11.26 20.73 13.04
C ASN A 192 10.65 21.67 12.00
N GLU A 193 10.81 21.36 10.72
CA GLU A 193 10.08 22.07 9.68
C GLU A 193 8.74 21.37 9.46
N THR A 194 7.74 22.17 9.10
CA THR A 194 6.38 21.67 8.89
C THR A 194 6.11 21.58 7.39
N LEU A 195 5.76 20.38 6.92
CA LEU A 195 5.44 20.16 5.53
C LEU A 195 3.94 20.01 5.34
N LEU A 196 3.50 20.21 4.10
CA LEU A 196 2.09 20.18 3.74
C LEU A 196 1.81 18.98 2.85
N LEU A 197 0.85 18.16 3.26
CA LEU A 197 0.41 17.03 2.45
C LEU A 197 -0.59 17.51 1.40
N ARG A 198 -0.38 17.12 0.15
CA ARG A 198 -1.21 17.58 -0.94
C ARG A 198 -1.28 16.52 -2.03
N ARG A 199 -2.44 16.41 -2.66
CA ARG A 199 -2.58 15.49 -3.79
C ARG A 199 -1.89 16.07 -5.01
N LYS A 200 -1.07 15.25 -5.67
CA LYS A 200 -0.26 15.69 -6.79
C LYS A 200 -0.81 15.25 -8.14
N PHE A 201 -1.33 14.04 -8.24
CA PHE A 201 -1.84 13.51 -9.49
C PHE A 201 -3.35 13.26 -9.37
N PHE A 202 -4.02 13.29 -10.51
CA PHE A 202 -5.49 13.18 -10.58
C PHE A 202 -5.84 12.16 -11.66
N TYR A 203 -5.75 10.88 -11.30
CA TYR A 203 -6.12 9.78 -12.19
C TYR A 203 -7.39 9.06 -11.75
N SER A 204 -7.56 8.84 -10.45
CA SER A 204 -8.78 8.26 -9.92
C SER A 204 -9.76 9.37 -9.52
N ASP A 205 -11.03 9.02 -9.52
CA ASP A 205 -12.06 9.98 -9.13
C ASP A 205 -12.00 10.26 -7.64
N GLN A 206 -12.49 11.45 -7.26
CA GLN A 206 -12.46 11.82 -5.85
C GLN A 206 -13.53 11.09 -5.04
N ASN A 207 -14.64 10.73 -5.68
CA ASN A 207 -15.75 10.10 -4.99
C ASN A 207 -15.55 8.61 -4.77
N VAL A 208 -14.47 8.02 -5.30
CA VAL A 208 -14.23 6.59 -5.14
C VAL A 208 -13.16 6.27 -4.11
N ASP A 209 -12.60 7.29 -3.45
CA ASP A 209 -11.52 7.08 -2.49
C ASP A 209 -11.86 7.75 -1.17
N SER A 210 -11.12 7.35 -0.14
CA SER A 210 -11.30 7.87 1.21
C SER A 210 -10.17 8.82 1.58
N ARG A 211 -10.47 9.71 2.53
CA ARG A 211 -9.48 10.64 3.05
C ARG A 211 -9.49 10.75 4.57
N ASP A 212 -10.49 10.20 5.24
CA ASP A 212 -10.57 10.15 6.69
C ASP A 212 -11.00 8.75 7.09
N PRO A 213 -10.71 8.34 8.33
CA PRO A 213 -11.07 6.97 8.75
C PRO A 213 -12.55 6.67 8.69
N VAL A 214 -13.42 7.67 8.76
CA VAL A 214 -14.86 7.42 8.79
C VAL A 214 -15.34 6.94 7.42
N GLN A 215 -14.98 7.66 6.36
CA GLN A 215 -15.34 7.20 5.02
C GLN A 215 -14.54 5.98 4.60
N LEU A 216 -13.38 5.74 5.22
CA LEU A 216 -12.61 4.53 4.91
C LEU A 216 -13.29 3.30 5.50
N ASN A 217 -13.82 3.40 6.73
CA ASN A 217 -14.52 2.28 7.33
C ASN A 217 -15.72 1.87 6.51
N LEU A 218 -16.41 2.84 5.89
CA LEU A 218 -17.54 2.52 5.03
C LEU A 218 -17.09 1.73 3.80
N LEU A 219 -15.94 2.10 3.24
CA LEU A 219 -15.38 1.32 2.13
C LEU A 219 -15.02 -0.09 2.58
N TYR A 220 -14.41 -0.22 3.76
CA TYR A 220 -14.01 -1.52 4.26
C TYR A 220 -15.21 -2.39 4.58
N VAL A 221 -16.21 -1.82 5.26
CA VAL A 221 -17.40 -2.58 5.62
C VAL A 221 -18.08 -3.14 4.39
N GLN A 222 -18.18 -2.34 3.33
CA GLN A 222 -18.75 -2.82 2.07
C GLN A 222 -17.89 -3.96 1.50
N ALA A 223 -16.59 -3.69 1.30
CA ALA A 223 -15.73 -4.67 0.65
C ALA A 223 -15.71 -6.00 1.39
N ARG A 224 -15.65 -5.95 2.73
CA ARG A 224 -15.65 -7.19 3.50
C ARG A 224 -16.97 -7.93 3.35
N ASP A 225 -18.07 -7.21 3.17
CA ASP A 225 -19.38 -7.85 3.07
C ASP A 225 -19.47 -8.71 1.81
N ASP A 226 -19.17 -8.13 0.65
CA ASP A 226 -19.26 -8.88 -0.60
C ASP A 226 -18.27 -10.02 -0.65
N ILE A 227 -17.13 -9.89 0.03
CA ILE A 227 -16.19 -11.00 0.12
C ILE A 227 -16.77 -12.12 0.97
N LEU A 228 -17.36 -11.78 2.11
CA LEU A 228 -17.83 -12.80 3.04
C LEU A 228 -19.14 -13.45 2.60
N ASN A 229 -20.00 -12.71 1.89
CA ASN A 229 -21.26 -13.30 1.43
C ASN A 229 -21.14 -13.91 0.03
N GLY A 230 -19.95 -13.90 -0.57
CA GLY A 230 -19.74 -14.51 -1.87
C GLY A 230 -20.06 -13.63 -3.06
N SER A 231 -20.44 -12.37 -2.84
CA SER A 231 -20.70 -11.49 -3.97
C SER A 231 -19.44 -11.21 -4.77
N HIS A 232 -18.29 -11.16 -4.10
CA HIS A 232 -17.00 -11.01 -4.76
C HIS A 232 -16.23 -12.32 -4.68
N PRO A 233 -16.23 -13.13 -5.74
CA PRO A 233 -15.53 -14.42 -5.69
C PRO A 233 -14.01 -14.21 -5.70
N VAL A 234 -13.35 -14.67 -4.64
CA VAL A 234 -11.90 -14.65 -4.54
C VAL A 234 -11.41 -16.08 -4.35
N SER A 235 -10.12 -16.27 -4.58
CA SER A 235 -9.53 -17.58 -4.38
C SER A 235 -9.24 -17.82 -2.90
N PHE A 236 -9.01 -19.09 -2.56
CA PHE A 236 -8.76 -19.44 -1.17
C PHE A 236 -7.53 -18.72 -0.62
N GLU A 237 -6.49 -18.59 -1.46
CA GLU A 237 -5.27 -17.91 -1.03
C GLU A 237 -5.56 -16.45 -0.69
N LYS A 238 -6.26 -15.74 -1.58
CA LYS A 238 -6.61 -14.36 -1.33
C LYS A 238 -7.57 -14.24 -0.15
N ALA A 239 -8.45 -15.22 0.04
CA ALA A 239 -9.40 -15.17 1.14
C ALA A 239 -8.70 -15.12 2.49
N CYS A 240 -7.65 -15.93 2.66
CA CYS A 240 -6.90 -15.88 3.91
C CYS A 240 -6.06 -14.62 4.04
N GLU A 241 -5.66 -14.01 2.92
CA GLU A 241 -4.98 -12.72 2.99
C GLU A 241 -5.92 -11.64 3.51
N PHE A 242 -7.19 -11.68 3.08
CA PHE A 242 -8.19 -10.79 3.65
C PHE A 242 -8.44 -11.14 5.11
N GLY A 243 -8.52 -12.42 5.44
CA GLY A 243 -8.67 -12.83 6.83
C GLY A 243 -7.52 -12.36 7.69
N GLY A 244 -6.30 -12.41 7.15
CA GLY A 244 -5.15 -11.87 7.87
C GLY A 244 -5.30 -10.40 8.18
N PHE A 245 -5.77 -9.61 7.20
CA PHE A 245 -6.03 -8.20 7.45
C PHE A 245 -7.16 -8.02 8.45
N GLN A 246 -8.24 -8.80 8.30
CA GLN A 246 -9.37 -8.69 9.20
C GLN A 246 -8.98 -9.02 10.64
N ALA A 247 -8.15 -10.04 10.82
CA ALA A 247 -7.68 -10.39 12.17
C ALA A 247 -6.89 -9.24 12.78
N GLN A 248 -6.05 -8.58 11.99
CA GLN A 248 -5.33 -7.41 12.48
C GLN A 248 -6.28 -6.30 12.88
N ILE A 249 -7.41 -6.16 12.19
CA ILE A 249 -8.35 -5.09 12.48
C ILE A 249 -9.09 -5.37 13.78
N GLN A 250 -9.45 -6.62 14.03
CA GLN A 250 -10.25 -6.96 15.20
C GLN A 250 -9.42 -7.31 16.43
N PHE A 251 -8.17 -7.73 16.26
CA PHE A 251 -7.35 -8.20 17.36
C PHE A 251 -6.05 -7.44 17.54
N GLY A 252 -5.53 -6.79 16.50
CA GLY A 252 -4.27 -6.10 16.60
C GLY A 252 -3.13 -6.94 16.08
N PRO A 253 -1.90 -6.52 16.37
CA PRO A 253 -0.73 -7.28 15.91
C PRO A 253 -0.77 -8.72 16.39
N HIS A 254 -0.26 -9.62 15.54
CA HIS A 254 -0.33 -11.04 15.83
C HIS A 254 0.60 -11.42 16.97
N VAL A 255 0.08 -12.21 17.91
CA VAL A 255 0.84 -12.72 19.03
C VAL A 255 0.69 -14.23 19.02
N GLU A 256 1.77 -14.92 18.70
CA GLU A 256 1.85 -16.39 18.51
C GLU A 256 1.26 -17.20 19.67
N HIS A 257 1.49 -16.77 20.89
CA HIS A 257 1.07 -17.55 22.05
C HIS A 257 -0.39 -17.33 22.42
N LYS A 258 -1.07 -16.35 21.84
CA LYS A 258 -2.50 -16.19 22.05
C LYS A 258 -3.33 -16.62 20.85
N HIS A 259 -3.02 -16.10 19.66
CA HIS A 259 -3.75 -16.45 18.45
C HIS A 259 -3.32 -17.84 17.96
N LYS A 260 -3.60 -18.82 18.82
CA LYS A 260 -3.22 -20.20 18.58
C LYS A 260 -4.26 -20.89 17.71
N PRO A 261 -3.96 -22.10 17.20
CA PRO A 261 -5.00 -22.87 16.52
C PRO A 261 -6.25 -23.04 17.38
N GLY A 262 -7.41 -22.91 16.74
CA GLY A 262 -8.68 -22.97 17.42
C GLY A 262 -9.17 -21.66 17.99
N PHE A 263 -8.36 -20.60 17.94
CA PHE A 263 -8.77 -19.32 18.51
C PHE A 263 -9.83 -18.64 17.67
N LEU A 264 -9.84 -18.88 16.36
CA LEU A 264 -10.70 -18.14 15.45
C LEU A 264 -12.07 -18.79 15.34
N ASP A 265 -13.05 -17.96 14.94
CA ASP A 265 -14.34 -18.43 14.45
C ASP A 265 -14.31 -18.26 12.94
N LEU A 266 -14.10 -19.38 12.22
CA LEU A 266 -13.80 -19.30 10.79
C LEU A 266 -14.94 -18.74 9.97
N LYS A 267 -16.19 -18.81 10.46
CA LYS A 267 -17.31 -18.35 9.67
C LYS A 267 -17.27 -16.84 9.47
N GLU A 268 -16.85 -16.11 10.49
CA GLU A 268 -16.77 -14.66 10.41
C GLU A 268 -15.56 -14.18 9.63
N PHE A 269 -14.75 -15.07 9.05
CA PHE A 269 -13.49 -14.68 8.44
C PHE A 269 -13.32 -15.09 6.99
N LEU A 270 -14.02 -16.10 6.51
CA LEU A 270 -13.80 -16.64 5.18
C LEU A 270 -15.13 -16.85 4.47
N PRO A 271 -15.13 -16.87 3.14
CA PRO A 271 -16.33 -17.31 2.41
C PRO A 271 -16.72 -18.73 2.81
N LYS A 272 -17.99 -19.04 2.56
CA LYS A 272 -18.54 -20.32 3.04
C LYS A 272 -17.84 -21.52 2.42
N GLU A 273 -17.41 -21.41 1.16
CA GLU A 273 -16.80 -22.54 0.48
C GLU A 273 -15.40 -22.86 1.02
N TYR A 274 -14.77 -21.94 1.74
CA TYR A 274 -13.40 -22.11 2.20
C TYR A 274 -13.30 -22.47 3.68
N ILE A 275 -14.40 -22.35 4.43
CA ILE A 275 -14.38 -22.65 5.87
C ILE A 275 -13.95 -24.09 6.12
N LYS A 276 -14.35 -25.01 5.24
CA LYS A 276 -14.03 -26.41 5.43
C LYS A 276 -12.64 -26.77 4.91
N GLN A 277 -12.03 -25.92 4.10
CA GLN A 277 -10.76 -26.27 3.48
C GLN A 277 -9.64 -26.29 4.50
N ARG A 278 -8.72 -27.24 4.32
CA ARG A 278 -7.65 -27.44 5.28
C ARG A 278 -6.66 -26.29 5.27
N GLY A 279 -6.02 -26.07 6.42
CA GLY A 279 -5.01 -25.03 6.53
C GLY A 279 -5.55 -23.62 6.48
N ALA A 280 -6.86 -23.44 6.64
CA ALA A 280 -7.45 -22.11 6.56
C ALA A 280 -6.97 -21.22 7.70
N GLU A 281 -7.08 -21.72 8.94
CA GLU A 281 -6.66 -20.92 10.09
C GLU A 281 -5.16 -20.67 10.10
N LYS A 282 -4.36 -21.63 9.63
CA LYS A 282 -2.92 -21.44 9.60
C LYS A 282 -2.54 -20.34 8.61
N ARG A 283 -3.13 -20.37 7.41
CA ARG A 283 -2.82 -19.35 6.42
C ARG A 283 -3.31 -17.97 6.83
N ILE A 284 -4.46 -17.91 7.53
CA ILE A 284 -4.92 -16.64 8.07
C ILE A 284 -3.93 -16.10 9.10
N PHE A 285 -3.51 -16.95 10.03
CA PHE A 285 -2.55 -16.54 11.04
C PHE A 285 -1.19 -16.21 10.45
N GLN A 286 -0.81 -16.90 9.36
CA GLN A 286 0.43 -16.56 8.67
C GLN A 286 0.40 -15.14 8.15
N GLU A 287 -0.67 -14.78 7.45
CA GLU A 287 -0.81 -13.41 6.96
C GLU A 287 -1.01 -12.40 8.08
N HIS A 288 -1.51 -12.85 9.24
CA HIS A 288 -1.71 -11.94 10.36
C HIS A 288 -0.38 -11.41 10.89
N LYS A 289 0.61 -12.29 11.06
CA LYS A 289 1.91 -11.84 11.51
C LYS A 289 2.71 -11.16 10.41
N ASN A 290 2.32 -11.33 9.15
CA ASN A 290 2.96 -10.60 8.07
C ASN A 290 2.70 -9.10 8.19
N CYS A 291 1.55 -8.72 8.75
CA CYS A 291 1.24 -7.32 8.96
C CYS A 291 2.16 -6.65 9.98
N GLY A 292 2.73 -7.43 10.89
CA GLY A 292 3.61 -6.85 11.90
C GLY A 292 2.80 -6.04 12.90
N GLU A 293 3.23 -4.80 13.12
CA GLU A 293 2.60 -3.91 14.09
C GLU A 293 1.85 -2.76 13.42
N MET A 294 1.32 -3.00 12.22
CA MET A 294 0.58 -1.96 11.52
C MET A 294 -0.73 -1.65 12.25
N SER A 295 -1.21 -0.43 12.05
CA SER A 295 -2.40 0.02 12.76
C SER A 295 -3.67 -0.53 12.10
N GLU A 296 -4.79 -0.35 12.81
CA GLU A 296 -6.07 -0.78 12.27
C GLU A 296 -6.45 0.02 11.03
N ILE A 297 -6.16 1.32 11.03
CA ILE A 297 -6.45 2.16 9.87
C ILE A 297 -5.63 1.72 8.68
N GLU A 298 -4.33 1.47 8.90
CA GLU A 298 -3.48 0.98 7.82
C GLU A 298 -3.94 -0.38 7.33
N ALA A 299 -4.42 -1.24 8.24
CA ALA A 299 -4.92 -2.55 7.84
C ALA A 299 -6.17 -2.43 6.98
N LYS A 300 -7.04 -1.46 7.30
CA LYS A 300 -8.26 -1.28 6.50
C LYS A 300 -7.93 -0.78 5.10
N VAL A 301 -6.89 0.06 4.98
CA VAL A 301 -6.49 0.55 3.66
C VAL A 301 -6.00 -0.60 2.80
N LYS A 302 -5.17 -1.48 3.37
CA LYS A 302 -4.64 -2.60 2.61
C LYS A 302 -5.73 -3.59 2.22
N TYR A 303 -6.72 -3.80 3.10
CA TYR A 303 -7.85 -4.64 2.77
C TYR A 303 -8.61 -4.09 1.57
N VAL A 304 -8.88 -2.79 1.58
CA VAL A 304 -9.66 -2.18 0.51
C VAL A 304 -8.89 -2.23 -0.81
N LYS A 305 -7.61 -1.84 -0.78
CA LYS A 305 -6.80 -1.85 -1.98
C LYS A 305 -6.62 -3.26 -2.52
N LEU A 306 -6.57 -4.26 -1.64
CA LEU A 306 -6.47 -5.65 -2.10
C LEU A 306 -7.72 -6.05 -2.87
N ALA A 307 -8.90 -5.69 -2.36
CA ALA A 307 -10.14 -6.01 -3.06
C ALA A 307 -10.21 -5.31 -4.41
N ARG A 308 -9.84 -4.03 -4.45
CA ARG A 308 -9.89 -3.28 -5.71
C ARG A 308 -8.83 -3.77 -6.69
N SER A 309 -7.73 -4.34 -6.19
CA SER A 309 -6.68 -4.84 -7.08
C SER A 309 -7.15 -6.04 -7.89
N LEU A 310 -8.13 -6.78 -7.38
CA LEU A 310 -8.60 -7.98 -8.07
C LEU A 310 -9.44 -7.60 -9.28
N ARG A 311 -9.24 -8.31 -10.38
CA ARG A 311 -9.99 -8.05 -11.60
C ARG A 311 -11.47 -8.37 -11.43
N THR A 312 -11.84 -9.10 -10.39
CA THR A 312 -13.22 -9.44 -10.11
C THR A 312 -13.93 -8.38 -9.28
N TYR A 313 -13.28 -7.26 -8.97
CA TYR A 313 -13.90 -6.22 -8.17
C TYR A 313 -14.95 -5.48 -8.99
N GLY A 314 -16.09 -5.22 -8.36
CA GLY A 314 -17.16 -4.49 -9.03
C GLY A 314 -17.73 -5.22 -10.22
N VAL A 315 -17.78 -6.55 -10.19
CA VAL A 315 -18.30 -7.36 -11.27
C VAL A 315 -19.38 -8.27 -10.70
N SER A 316 -20.55 -8.30 -11.35
CA SER A 316 -21.63 -9.17 -10.96
C SER A 316 -21.47 -10.52 -11.66
N PHE A 317 -21.44 -11.59 -10.87
CA PHE A 317 -21.12 -12.92 -11.39
C PHE A 317 -22.35 -13.82 -11.35
N PHE A 318 -22.38 -14.76 -12.29
CA PHE A 318 -23.48 -15.72 -12.41
C PHE A 318 -22.89 -17.11 -12.56
N LEU A 319 -23.30 -18.02 -11.68
CA LEU A 319 -22.83 -19.41 -11.75
C LEU A 319 -23.49 -20.09 -12.95
N VAL A 320 -22.71 -20.34 -13.99
CA VAL A 320 -23.21 -20.93 -15.22
C VAL A 320 -22.42 -22.20 -15.53
N LYS A 321 -22.81 -22.91 -16.58
CA LYS A 321 -22.15 -24.14 -17.01
C LYS A 321 -21.84 -24.03 -18.50
N GLU A 322 -20.61 -24.37 -18.87
CA GLU A 322 -20.17 -24.27 -20.26
C GLU A 322 -19.34 -25.48 -20.62
N LYS A 323 -19.09 -25.63 -21.91
CA LYS A 323 -18.35 -26.76 -22.47
C LYS A 323 -16.92 -26.36 -22.77
N MET A 324 -16.00 -27.31 -22.61
CA MET A 324 -14.62 -27.10 -23.01
C MET A 324 -14.27 -28.09 -24.12
N LYS A 325 -12.98 -28.12 -24.50
CA LYS A 325 -12.54 -28.82 -25.69
C LYS A 325 -12.89 -30.30 -25.63
N GLY A 326 -13.71 -30.75 -26.58
CA GLY A 326 -13.85 -32.18 -26.87
C GLY A 326 -14.21 -33.04 -25.68
N LYS A 327 -14.89 -32.49 -24.68
CA LYS A 327 -15.32 -33.24 -23.51
C LYS A 327 -16.81 -32.97 -23.30
N ASN A 328 -17.65 -33.93 -23.72
CA ASN A 328 -19.10 -33.70 -23.78
C ASN A 328 -19.65 -33.63 -22.37
N LYS A 329 -19.24 -32.58 -21.68
CA LYS A 329 -19.63 -32.37 -20.26
C LYS A 329 -19.36 -30.91 -19.88
N LEU A 330 -20.34 -30.28 -19.24
CA LEU A 330 -20.20 -28.92 -18.79
C LEU A 330 -19.16 -28.78 -17.67
N VAL A 331 -18.65 -27.57 -17.56
CA VAL A 331 -17.75 -27.18 -16.47
C VAL A 331 -18.41 -26.05 -15.69
N PRO A 332 -18.41 -26.12 -14.36
CA PRO A 332 -18.96 -25.00 -13.56
C PRO A 332 -18.10 -23.76 -13.76
N ARG A 333 -18.73 -22.68 -14.21
CA ARG A 333 -18.02 -21.44 -14.51
C ARG A 333 -18.77 -20.26 -13.92
N LEU A 334 -18.02 -19.18 -13.69
CA LEU A 334 -18.57 -17.92 -13.23
C LEU A 334 -18.58 -16.93 -14.38
N LEU A 335 -19.76 -16.45 -14.74
CA LEU A 335 -19.93 -15.47 -15.81
C LEU A 335 -20.00 -14.08 -15.19
N GLY A 336 -19.02 -13.24 -15.50
CA GLY A 336 -18.93 -11.90 -14.92
C GLY A 336 -19.37 -10.83 -15.89
N ILE A 337 -20.20 -9.93 -15.41
CA ILE A 337 -20.70 -8.80 -16.19
C ILE A 337 -20.42 -7.53 -15.42
N THR A 338 -19.64 -6.62 -16.00
CA THR A 338 -19.35 -5.35 -15.35
C THR A 338 -19.62 -4.18 -16.30
N LYS A 339 -19.25 -2.97 -15.86
CA LYS A 339 -19.60 -1.76 -16.61
C LYS A 339 -18.91 -1.68 -17.96
N ASP A 340 -17.87 -2.46 -18.20
CA ASP A 340 -17.08 -2.33 -19.41
C ASP A 340 -16.74 -3.64 -20.10
N SER A 341 -16.87 -4.79 -19.43
CA SER A 341 -16.40 -6.03 -20.02
C SER A 341 -17.22 -7.21 -19.50
N VAL A 342 -17.05 -8.34 -20.18
CA VAL A 342 -17.61 -9.62 -19.76
C VAL A 342 -16.46 -10.62 -19.69
N MET A 343 -16.46 -11.48 -18.69
CA MET A 343 -15.31 -12.34 -18.44
C MET A 343 -15.77 -13.72 -17.99
N ARG A 344 -14.93 -14.73 -18.28
CA ARG A 344 -15.09 -16.07 -17.75
C ARG A 344 -14.12 -16.27 -16.60
N VAL A 345 -14.58 -16.98 -15.57
CA VAL A 345 -13.81 -17.15 -14.34
C VAL A 345 -13.95 -18.59 -13.88
N ASP A 346 -12.82 -19.24 -13.60
CA ASP A 346 -12.84 -20.57 -13.01
C ASP A 346 -13.50 -20.52 -11.64
N GLU A 347 -14.47 -21.40 -11.42
CA GLU A 347 -15.27 -21.32 -10.20
C GLU A 347 -14.49 -21.79 -8.97
N LYS A 348 -13.47 -22.63 -9.16
CA LYS A 348 -12.69 -23.10 -8.03
C LYS A 348 -11.51 -22.19 -7.72
N THR A 349 -10.74 -21.81 -8.75
CA THR A 349 -9.54 -21.01 -8.55
C THR A 349 -9.78 -19.51 -8.68
N LYS A 350 -10.93 -19.09 -9.21
CA LYS A 350 -11.28 -17.69 -9.40
C LYS A 350 -10.31 -16.97 -10.33
N GLU A 351 -9.69 -17.71 -11.24
CA GLU A 351 -8.81 -17.10 -12.24
C GLU A 351 -9.64 -16.59 -13.41
N VAL A 352 -9.18 -15.49 -13.99
CA VAL A 352 -9.81 -14.93 -15.18
C VAL A 352 -9.30 -15.69 -16.40
N LEU A 353 -10.17 -16.48 -17.02
CA LEU A 353 -9.78 -17.27 -18.18
C LEU A 353 -9.87 -16.49 -19.48
N GLN A 354 -10.86 -15.61 -19.60
CA GLN A 354 -11.04 -14.82 -20.81
C GLN A 354 -11.83 -13.57 -20.44
N GLU A 355 -11.69 -12.54 -21.28
CA GLU A 355 -12.36 -11.27 -21.02
C GLU A 355 -12.61 -10.56 -22.35
N TRP A 356 -13.83 -10.08 -22.55
CA TRP A 356 -14.20 -9.32 -23.73
C TRP A 356 -14.69 -7.93 -23.31
N PRO A 357 -14.22 -6.87 -23.93
CA PRO A 357 -14.84 -5.56 -23.70
C PRO A 357 -16.27 -5.54 -24.20
N LEU A 358 -17.10 -4.73 -23.52
CA LEU A 358 -18.51 -4.65 -23.89
C LEU A 358 -18.70 -4.08 -25.29
N THR A 359 -17.74 -3.28 -25.76
CA THR A 359 -17.83 -2.68 -27.08
C THR A 359 -17.92 -3.74 -28.18
N THR A 360 -17.33 -4.91 -27.94
CA THR A 360 -17.27 -5.96 -28.95
C THR A 360 -18.52 -6.84 -28.99
N VAL A 361 -19.37 -6.79 -27.98
CA VAL A 361 -20.55 -7.63 -27.93
C VAL A 361 -21.52 -7.14 -29.00
N LYS A 362 -21.70 -7.94 -30.07
CA LYS A 362 -22.62 -7.55 -31.13
C LYS A 362 -24.07 -7.73 -30.69
N ARG A 363 -24.44 -8.95 -30.30
CA ARG A 363 -25.79 -9.25 -29.89
C ARG A 363 -25.77 -10.38 -28.87
N TRP A 364 -26.87 -10.52 -28.14
CA TRP A 364 -27.00 -11.55 -27.13
C TRP A 364 -28.41 -12.12 -27.16
N ALA A 365 -28.56 -13.31 -26.59
CA ALA A 365 -29.84 -14.01 -26.59
C ALA A 365 -29.96 -14.82 -25.30
N ALA A 366 -31.19 -14.89 -24.78
CA ALA A 366 -31.45 -15.56 -23.51
C ALA A 366 -32.60 -16.55 -23.67
N SER A 367 -32.36 -17.78 -23.27
CA SER A 367 -33.36 -18.84 -23.19
C SER A 367 -33.72 -19.09 -21.74
N PRO A 368 -34.83 -19.79 -21.46
CA PRO A 368 -35.11 -20.22 -20.08
C PRO A 368 -34.09 -21.23 -19.56
N LYS A 369 -33.22 -21.77 -20.41
CA LYS A 369 -32.23 -22.75 -20.00
C LYS A 369 -30.80 -22.39 -20.38
N SER A 370 -30.59 -21.38 -21.23
CA SER A 370 -29.24 -21.06 -21.69
C SER A 370 -29.14 -19.57 -21.95
N PHE A 371 -27.94 -19.16 -22.39
CA PHE A 371 -27.67 -17.77 -22.73
C PHE A 371 -26.53 -17.75 -23.73
N THR A 372 -26.72 -17.02 -24.83
CA THR A 372 -25.78 -17.01 -25.94
C THR A 372 -25.24 -15.61 -26.17
N LEU A 373 -23.98 -15.52 -26.60
CA LEU A 373 -23.31 -14.26 -26.88
C LEU A 373 -22.68 -14.31 -28.25
N ASP A 374 -22.74 -13.19 -28.97
CA ASP A 374 -22.13 -13.06 -30.29
C ASP A 374 -21.13 -11.92 -30.26
N PHE A 375 -19.86 -12.25 -30.46
CA PHE A 375 -18.80 -11.27 -30.61
C PHE A 375 -18.43 -11.14 -32.08
N GLY A 376 -17.56 -10.18 -32.39
CA GLY A 376 -17.11 -10.01 -33.76
C GLY A 376 -16.41 -11.26 -34.27
N GLU A 377 -15.45 -11.75 -33.48
CA GLU A 377 -14.87 -13.06 -33.70
C GLU A 377 -15.95 -14.07 -34.04
N TYR A 378 -15.77 -14.78 -35.15
CA TYR A 378 -16.58 -15.97 -35.32
C TYR A 378 -16.02 -17.12 -34.50
N GLN A 379 -14.84 -16.91 -33.91
CA GLN A 379 -14.39 -17.55 -32.67
C GLN A 379 -14.64 -19.05 -32.68
N GLU A 380 -15.30 -19.55 -31.64
CA GLU A 380 -15.86 -20.89 -31.68
C GLU A 380 -17.37 -20.81 -31.47
N SER A 381 -18.11 -21.01 -32.56
CA SER A 381 -19.57 -20.96 -32.59
C SER A 381 -20.08 -19.61 -32.09
N TYR A 382 -20.96 -19.66 -31.10
CA TYR A 382 -21.24 -18.51 -30.25
C TYR A 382 -21.04 -19.00 -28.83
N TYR A 383 -20.35 -18.19 -28.02
CA TYR A 383 -20.19 -18.57 -26.63
C TYR A 383 -21.56 -18.76 -25.99
N SER A 384 -21.89 -20.00 -25.64
CA SER A 384 -23.18 -20.34 -25.07
C SER A 384 -22.98 -21.02 -23.72
N VAL A 385 -23.83 -20.68 -22.75
CA VAL A 385 -23.72 -21.23 -21.41
C VAL A 385 -25.11 -21.68 -20.96
N GLN A 386 -25.13 -22.77 -20.19
CA GLN A 386 -26.37 -23.29 -19.62
C GLN A 386 -26.60 -22.63 -18.27
N THR A 387 -27.68 -21.86 -18.18
CA THR A 387 -28.00 -21.16 -16.94
C THR A 387 -29.50 -20.96 -16.84
N THR A 388 -30.00 -20.93 -15.61
CA THR A 388 -31.40 -20.64 -15.36
C THR A 388 -31.69 -19.16 -15.24
N GLU A 389 -30.65 -18.32 -15.22
CA GLU A 389 -30.79 -16.88 -15.07
C GLU A 389 -30.39 -16.14 -16.34
N GLY A 390 -30.72 -16.71 -17.50
CA GLY A 390 -30.34 -16.09 -18.76
C GLY A 390 -30.98 -14.73 -18.97
N GLU A 391 -32.29 -14.66 -18.72
CA GLU A 391 -32.99 -13.38 -18.86
C GLU A 391 -32.45 -12.36 -17.86
N GLN A 392 -32.09 -12.82 -16.67
CA GLN A 392 -31.47 -11.94 -15.68
C GLN A 392 -30.17 -11.34 -16.22
N ILE A 393 -29.33 -12.19 -16.82
CA ILE A 393 -28.08 -11.72 -17.41
C ILE A 393 -28.36 -10.79 -18.57
N SER A 394 -29.40 -11.09 -19.36
CA SER A 394 -29.73 -10.24 -20.50
C SER A 394 -30.14 -8.86 -20.06
N GLN A 395 -30.94 -8.76 -18.99
CA GLN A 395 -31.34 -7.46 -18.47
C GLN A 395 -30.13 -6.67 -18.00
N LEU A 396 -29.17 -7.33 -17.37
CA LEU A 396 -28.02 -6.63 -16.81
C LEU A 396 -27.15 -6.03 -17.89
N ILE A 397 -26.73 -6.85 -18.86
CA ILE A 397 -25.85 -6.36 -19.91
C ILE A 397 -26.58 -5.43 -20.87
N ALA A 398 -27.91 -5.55 -20.97
CA ALA A 398 -28.67 -4.56 -21.73
C ALA A 398 -28.60 -3.19 -21.08
N GLY A 399 -28.81 -3.14 -19.75
CA GLY A 399 -28.67 -1.89 -19.03
C GLY A 399 -27.29 -1.27 -19.10
N TYR A 400 -26.29 -2.06 -19.49
CA TYR A 400 -24.95 -1.55 -19.71
C TYR A 400 -24.77 -0.99 -21.11
N ILE A 401 -25.31 -1.68 -22.12
CA ILE A 401 -25.11 -1.28 -23.51
C ILE A 401 -26.19 -0.30 -23.98
N ASP A 402 -27.39 -0.35 -23.41
CA ASP A 402 -28.44 0.57 -23.83
C ASP A 402 -28.08 2.01 -23.48
N ILE A 403 -27.61 2.22 -22.25
CA ILE A 403 -27.16 3.55 -21.83
C ILE A 403 -25.68 3.78 -22.12
N ILE A 404 -24.94 2.73 -22.51
CA ILE A 404 -23.48 2.76 -22.62
C ILE A 404 -22.83 3.60 -21.52
#